data_1VJO
#
_entry.id   1VJO
#
_cell.length_a   79.258
_cell.length_b   101.057
_cell.length_c   97.252
_cell.angle_alpha   90.00
_cell.angle_beta   90.00
_cell.angle_gamma   90.00
#
_symmetry.space_group_name_H-M   'C 2 2 21'
#
loop_
_entity.id
_entity.type
_entity.pdbx_description
1 polymer 'alanine--glyoxylate aminotransferase'
2 non-polymer "PYRIDOXAL-5'-PHOSPHATE"
3 water water
#
_entity_poly.entity_id   1
_entity_poly.type   'polypeptide(L)'
_entity_poly.pdbx_seq_one_letter_code
;MGSDKIHHHHHH(MSE)AQIISINDNQRLQLEPLEVPSRLLLGPGPSNAHPSVLQA(MSE)NVSPVGHLDPAFLAL
(MSE)DEIQSLLRYVWQTENPLTIAVSGTGTAA(MSE)EATIANAVEPGDVVLIGVAGYFGNRLVD(MSE)AGRYGADVR
TISKPWGEVFSLEELRTALETHRPAILALVHAETSTGARQPLEGVGELCREFGTLLLVDTVTSLGGVPIFLDAWGVDLAY
SCSQKGLGCSPGASPFT(MSE)SSRAIEKLQRRRTKVANWYLD(MSE)NLLGKYWGSERVYHHTAPINLYYALREALRLI
AQEGLANCWQRHQKNVEYLWERLEDIGLSLHVEKEYRLPTLTTVCIPDGVDGKAVARRLLNEHNIEVGGGLGELAGKVWR
VGL(MSE)GFNSRKESVDQLIPALEQVLR
;
_entity_poly.pdbx_strand_id   A
#
loop_
_chem_comp.id
_chem_comp.type
_chem_comp.name
_chem_comp.formula
PLP non-polymer PYRIDOXAL-5'-PHOSPHATE 'C8 H10 N O6 P'
#
# COMPACT_ATOMS: atom_id res chain seq x y z
N ILE A 17 45.52 4.35 16.95
CA ILE A 17 44.59 3.79 15.92
C ILE A 17 44.62 4.63 14.63
N SER A 18 45.18 4.03 13.58
CA SER A 18 45.19 4.66 12.26
C SER A 18 43.89 4.34 11.51
N ILE A 19 43.52 5.19 10.57
CA ILE A 19 42.31 5.00 9.76
C ILE A 19 42.52 3.91 8.73
N ASN A 20 41.59 2.97 8.68
CA ASN A 20 41.55 1.90 7.67
C ASN A 20 40.80 2.39 6.42
N ASP A 21 41.48 2.47 5.29
CA ASP A 21 40.84 2.92 4.06
C ASP A 21 40.51 1.79 3.08
N ASN A 22 40.46 0.55 3.57
CA ASN A 22 40.19 -0.61 2.71
C ASN A 22 38.83 -0.55 2.02
N GLN A 23 37.82 0.01 2.69
CA GLN A 23 36.49 0.16 2.05
C GLN A 23 36.18 1.60 1.62
N ARG A 24 37.20 2.44 1.56
CA ARG A 24 37.09 3.80 1.02
C ARG A 24 36.99 3.79 -0.50
N LEU A 25 35.79 3.52 -1.01
CA LEU A 25 35.58 3.45 -2.45
C LEU A 25 35.78 4.79 -3.12
N GLN A 26 36.31 4.77 -4.33
CA GLN A 26 36.49 5.99 -5.10
C GLN A 26 35.37 5.98 -6.14
N LEU A 27 34.30 6.71 -5.86
CA LEU A 27 33.11 6.65 -6.71
C LEU A 27 32.93 7.88 -7.57
N GLU A 28 32.21 7.71 -8.67
CA GLU A 28 31.83 8.83 -9.52
C GLU A 28 30.40 9.20 -9.15
N PRO A 29 29.95 10.41 -9.51
CA PRO A 29 28.58 10.81 -9.21
C PRO A 29 27.53 9.82 -9.71
N LEU A 30 26.51 9.63 -8.90
CA LEU A 30 25.38 8.74 -9.19
C LEU A 30 24.97 8.71 -10.66
N GLU A 31 24.90 7.51 -11.23
CA GLU A 31 24.25 7.29 -12.53
C GLU A 31 23.40 6.02 -12.45
N VAL A 32 22.12 6.11 -12.79
CA VAL A 32 21.26 4.92 -12.77
C VAL A 32 20.48 4.77 -14.09
N PRO A 33 20.15 3.53 -14.44
CA PRO A 33 19.42 3.28 -15.68
C PRO A 33 18.00 3.85 -15.57
N SER A 34 17.41 4.17 -16.71
CA SER A 34 15.99 4.53 -16.73
C SER A 34 15.15 3.26 -16.80
N ARG A 35 14.07 3.26 -16.03
CA ARG A 35 13.21 2.10 -15.91
C ARG A 35 11.78 2.59 -15.89
N LEU A 36 10.95 1.95 -16.72
CA LEU A 36 9.52 2.12 -16.59
C LEU A 36 9.07 1.05 -15.60
N LEU A 37 8.62 1.49 -14.44
CA LEU A 37 8.32 0.60 -13.34
C LEU A 37 6.86 0.15 -13.31
N LEU A 38 6.59 -0.99 -13.94
CA LEU A 38 5.23 -1.51 -14.10
C LEU A 38 5.12 -2.82 -13.33
N GLY A 39 5.84 -2.89 -12.21
CA GLY A 39 5.70 -4.03 -11.32
C GLY A 39 4.81 -3.74 -10.14
N PRO A 40 4.83 -4.63 -9.16
CA PRO A 40 4.05 -4.47 -7.91
C PRO A 40 4.36 -3.15 -7.13
N GLY A 41 5.52 -2.53 -7.40
CA GLY A 41 5.95 -1.29 -6.73
C GLY A 41 7.49 -1.31 -6.61
N PRO A 42 8.12 -0.14 -6.52
CA PRO A 42 7.52 1.15 -6.51
C PRO A 42 7.17 1.57 -7.95
N SER A 43 6.36 2.59 -8.07
CA SER A 43 6.03 3.14 -9.38
C SER A 43 6.99 4.29 -9.63
N ASN A 44 7.01 4.82 -10.87
CA ASN A 44 7.78 6.06 -11.17
C ASN A 44 7.07 7.25 -10.53
N ALA A 45 7.79 7.97 -9.69
CA ALA A 45 7.20 9.14 -9.03
C ALA A 45 6.97 10.21 -10.09
N HIS A 46 5.99 11.11 -9.88
CA HIS A 46 5.77 12.23 -10.80
C HIS A 46 6.97 13.21 -10.75
N PRO A 47 7.47 13.69 -11.88
CA PRO A 47 8.55 14.71 -11.91
C PRO A 47 8.48 15.90 -10.92
N SER A 48 7.30 16.48 -10.69
CA SER A 48 7.22 17.63 -9.76
C SER A 48 7.45 17.18 -8.29
N VAL A 49 7.10 15.93 -8.02
CA VAL A 49 7.27 15.32 -6.69
C VAL A 49 8.77 15.06 -6.43
N LEU A 50 9.45 14.57 -7.44
CA LEU A 50 10.90 14.40 -7.35
C LEU A 50 11.59 15.80 -7.18
N GLN A 51 11.14 16.80 -7.92
CA GLN A 51 11.75 18.12 -7.80
C GLN A 51 11.57 18.66 -6.39
N ALA A 52 10.43 18.35 -5.77
CA ALA A 52 10.13 18.87 -4.42
C ALA A 52 11.10 18.33 -3.35
N MSE A 53 11.76 17.21 -3.65
CA MSE A 53 12.73 16.66 -2.71
C MSE A 53 14.00 17.48 -2.72
O MSE A 53 14.71 17.54 -1.72
CB MSE A 53 13.03 15.19 -3.04
CG MSE A 53 11.84 14.36 -2.84
SE MSE A 53 12.25 12.45 -3.02
CE MSE A 53 12.62 12.11 -1.29
N ASN A 54 14.25 18.17 -3.85
CA ASN A 54 15.47 18.95 -4.06
C ASN A 54 15.24 20.39 -3.60
N VAL A 55 14.88 20.55 -2.34
CA VAL A 55 14.56 21.84 -1.73
C VAL A 55 15.24 21.76 -0.36
N SER A 56 15.83 22.86 0.08
CA SER A 56 16.56 22.84 1.36
C SER A 56 15.58 22.52 2.51
N PRO A 57 16.03 21.72 3.47
CA PRO A 57 15.22 21.32 4.61
C PRO A 57 14.99 22.49 5.57
N VAL A 58 13.90 22.41 6.34
CA VAL A 58 13.72 23.24 7.51
C VAL A 58 13.58 22.26 8.67
N GLY A 59 13.52 22.76 9.89
CA GLY A 59 13.44 21.88 11.05
C GLY A 59 12.12 21.12 11.15
N HIS A 60 12.18 19.92 11.74
CA HIS A 60 10.98 19.08 11.91
C HIS A 60 9.94 19.73 12.86
N LEU A 61 10.35 20.73 13.64
CA LEU A 61 9.38 21.45 14.49
C LEU A 61 9.27 22.94 14.11
N ASP A 62 9.78 23.28 12.93
CA ASP A 62 9.65 24.67 12.41
C ASP A 62 8.17 24.88 12.06
N PRO A 63 7.54 25.98 12.49
CA PRO A 63 6.13 26.22 12.14
C PRO A 63 5.82 26.03 10.68
N ALA A 64 6.77 26.28 9.79
CA ALA A 64 6.49 26.07 8.37
C ALA A 64 6.34 24.60 8.06
N PHE A 65 7.18 23.79 8.67
CA PHE A 65 7.08 22.34 8.50
C PHE A 65 5.81 21.81 9.16
N LEU A 66 5.50 22.28 10.37
CA LEU A 66 4.24 21.90 11.02
C LEU A 66 2.98 22.25 10.15
N ALA A 67 3.04 23.43 9.51
CA ALA A 67 2.00 23.82 8.54
C ALA A 67 1.90 22.83 7.39
N LEU A 68 3.05 22.37 6.92
CA LEU A 68 3.08 21.37 5.85
C LEU A 68 2.45 20.04 6.29
N MSE A 69 2.72 19.66 7.55
CA MSE A 69 2.16 18.44 8.07
C MSE A 69 0.66 18.57 8.18
O MSE A 69 -0.09 17.60 7.90
CB MSE A 69 2.82 18.17 9.44
CG MSE A 69 4.22 17.58 9.26
SE MSE A 69 5.20 17.48 10.98
CE MSE A 69 3.89 16.56 12.14
N ASP A 70 0.19 19.76 8.59
CA ASP A 70 -1.23 19.98 8.69
C ASP A 70 -1.88 19.77 7.32
N GLU A 71 -1.20 20.28 6.29
CA GLU A 71 -1.65 20.09 4.91
C GLU A 71 -1.71 18.60 4.48
N ILE A 72 -0.66 17.86 4.82
CA ILE A 72 -0.61 16.40 4.53
C ILE A 72 -1.79 15.73 5.24
N GLN A 73 -2.06 16.09 6.50
CA GLN A 73 -3.18 15.43 7.17
C GLN A 73 -4.51 15.68 6.46
N SER A 74 -4.81 16.95 6.14
CA SER A 74 -6.02 17.30 5.44
C SER A 74 -6.15 16.55 4.11
N LEU A 75 -5.08 16.57 3.32
CA LEU A 75 -5.13 15.89 2.01
C LEU A 75 -5.24 14.37 2.10
N LEU A 76 -4.64 13.77 3.14
CA LEU A 76 -4.80 12.33 3.37
C LEU A 76 -6.23 12.02 3.76
N ARG A 77 -6.82 12.87 4.59
CA ARG A 77 -8.25 12.73 4.92
C ARG A 77 -9.10 12.76 3.66
N TYR A 78 -8.82 13.71 2.78
CA TYR A 78 -9.55 13.78 1.49
C TYR A 78 -9.34 12.50 0.63
N VAL A 79 -8.08 12.12 0.42
CA VAL A 79 -7.79 11.03 -0.51
C VAL A 79 -8.34 9.68 0.01
N TRP A 80 -8.38 9.50 1.33
CA TRP A 80 -8.85 8.24 1.90
C TRP A 80 -10.36 8.26 2.18
N GLN A 81 -10.96 9.46 2.09
CA GLN A 81 -12.38 9.66 2.46
C GLN A 81 -12.62 9.27 3.92
N THR A 82 -11.82 9.88 4.79
CA THR A 82 -12.05 9.80 6.21
C THR A 82 -11.97 11.20 6.83
N GLU A 83 -12.65 11.37 7.97
CA GLU A 83 -12.46 12.56 8.77
C GLU A 83 -11.68 12.28 10.05
N ASN A 84 -11.08 11.09 10.19
CA ASN A 84 -10.27 10.78 11.39
C ASN A 84 -9.22 11.85 11.68
N PRO A 85 -9.27 12.43 12.89
CA PRO A 85 -8.17 13.30 13.33
C PRO A 85 -6.80 12.63 13.24
N LEU A 86 -6.65 11.39 13.73
CA LEU A 86 -5.36 10.72 13.69
C LEU A 86 -5.20 10.09 12.29
N THR A 87 -4.87 10.94 11.33
CA THR A 87 -4.54 10.51 9.98
C THR A 87 -3.20 11.22 9.71
N ILE A 88 -2.14 10.45 9.54
CA ILE A 88 -0.79 10.99 9.45
C ILE A 88 0.03 10.24 8.41
N ALA A 89 1.28 10.66 8.22
CA ALA A 89 2.21 9.81 7.48
C ALA A 89 3.11 9.17 8.54
N VAL A 90 3.49 7.90 8.32
CA VAL A 90 4.50 7.24 9.09
C VAL A 90 5.84 7.38 8.36
N SER A 91 6.92 7.56 9.11
CA SER A 91 8.24 7.81 8.52
C SER A 91 8.87 6.44 8.28
N GLY A 92 8.34 5.76 7.27
CA GLY A 92 8.78 4.38 6.98
C GLY A 92 7.94 3.97 5.77
N THR A 93 8.27 2.80 5.21
CA THR A 93 7.58 2.35 3.99
C THR A 93 6.27 1.67 4.39
N GLY A 94 5.56 1.09 3.42
CA GLY A 94 4.20 0.52 3.71
C GLY A 94 4.24 -0.46 4.87
N THR A 95 5.34 -1.24 5.00
CA THR A 95 5.50 -2.26 6.04
C THR A 95 5.48 -1.60 7.38
N ALA A 96 6.03 -0.37 7.46
CA ALA A 96 6.06 0.31 8.79
C ALA A 96 4.63 0.73 9.18
N ALA A 97 3.89 1.31 8.25
CA ALA A 97 2.51 1.74 8.55
C ALA A 97 1.67 0.51 8.86
N MSE A 98 1.97 -0.57 8.15
CA MSE A 98 1.27 -1.87 8.37
C MSE A 98 1.52 -2.28 9.82
O MSE A 98 0.58 -2.57 10.59
CB MSE A 98 1.92 -2.87 7.44
CG MSE A 98 1.34 -4.21 7.51
SE MSE A 98 2.23 -5.19 5.97
CE MSE A 98 1.19 -6.85 5.97
N GLU A 99 2.80 -2.30 10.19
CA GLU A 99 3.18 -2.77 11.52
C GLU A 99 2.61 -1.82 12.58
N ALA A 100 2.47 -0.55 12.23
CA ALA A 100 1.96 0.39 13.25
C ALA A 100 0.50 0.00 13.52
N THR A 101 -0.27 -0.43 12.50
CA THR A 101 -1.67 -0.75 12.83
C THR A 101 -1.72 -1.94 13.80
N ILE A 102 -0.81 -2.89 13.61
CA ILE A 102 -0.78 -4.09 14.46
C ILE A 102 -0.32 -3.74 15.88
N ALA A 103 0.79 -3.03 15.99
CA ALA A 103 1.37 -2.67 17.31
C ALA A 103 0.39 -1.85 18.15
N ASN A 104 -0.32 -0.89 17.51
CA ASN A 104 -1.25 -0.02 18.24
C ASN A 104 -2.62 -0.66 18.56
N ALA A 105 -2.94 -1.77 17.88
CA ALA A 105 -4.27 -2.41 18.01
C ALA A 105 -4.21 -3.73 18.77
N VAL A 106 -3.02 -4.33 18.84
CA VAL A 106 -2.94 -5.70 19.40
C VAL A 106 -2.27 -5.69 20.75
N GLU A 107 -2.93 -6.27 21.75
CA GLU A 107 -2.32 -6.56 23.07
C GLU A 107 -2.17 -8.07 23.21
N PRO A 108 -1.18 -8.58 23.96
CA PRO A 108 -1.05 -10.03 24.14
C PRO A 108 -2.35 -10.66 24.55
N GLY A 109 -2.74 -11.68 23.78
CA GLY A 109 -3.91 -12.48 24.10
C GLY A 109 -5.12 -12.07 23.30
N ASP A 110 -5.05 -10.92 22.64
CA ASP A 110 -6.11 -10.48 21.75
C ASP A 110 -6.24 -11.52 20.64
N VAL A 111 -7.48 -11.85 20.30
CA VAL A 111 -7.73 -12.77 19.18
C VAL A 111 -7.80 -11.90 17.93
N VAL A 112 -7.00 -12.25 16.94
CA VAL A 112 -6.87 -11.45 15.72
C VAL A 112 -7.14 -12.39 14.58
N LEU A 113 -8.22 -12.09 13.83
CA LEU A 113 -8.65 -12.92 12.70
C LEU A 113 -8.15 -12.26 11.40
N ILE A 114 -7.40 -13.02 10.60
CA ILE A 114 -6.84 -12.49 9.34
C ILE A 114 -7.43 -13.24 8.16
N GLY A 115 -7.96 -12.49 7.17
CA GLY A 115 -8.47 -13.14 5.93
C GLY A 115 -7.25 -13.27 5.01
N VAL A 116 -6.76 -14.49 4.80
CA VAL A 116 -5.51 -14.68 4.04
C VAL A 116 -5.87 -15.11 2.62
N ALA A 117 -5.60 -14.25 1.65
CA ALA A 117 -5.85 -14.62 0.24
C ALA A 117 -4.70 -14.10 -0.58
N GLY A 118 -3.51 -14.10 0.02
CA GLY A 118 -2.35 -13.60 -0.71
C GLY A 118 -1.18 -13.42 0.22
N TYR A 119 -0.06 -12.98 -0.35
CA TYR A 119 1.19 -12.84 0.39
C TYR A 119 1.08 -11.92 1.65
N PHE A 120 0.31 -10.83 1.50
CA PHE A 120 0.27 -9.81 2.57
C PHE A 120 -0.64 -10.26 3.68
N GLY A 121 -1.63 -11.09 3.37
CA GLY A 121 -2.32 -11.83 4.46
C GLY A 121 -1.39 -12.64 5.36
N ASN A 122 -0.50 -13.42 4.75
CA ASN A 122 0.48 -14.17 5.54
C ASN A 122 1.42 -13.27 6.32
N ARG A 123 1.78 -12.12 5.75
CA ARG A 123 2.67 -11.22 6.52
C ARG A 123 1.97 -10.68 7.78
N LEU A 124 0.67 -10.33 7.62
CA LEU A 124 -0.17 -9.91 8.76
C LEU A 124 -0.19 -10.98 9.84
N VAL A 125 -0.34 -12.27 9.44
CA VAL A 125 -0.32 -13.40 10.42
C VAL A 125 1.00 -13.38 11.25
N ASP A 126 2.11 -13.22 10.55
CA ASP A 126 3.43 -13.22 11.14
C ASP A 126 3.55 -12.05 12.13
N MSE A 127 3.22 -10.85 11.67
CA MSE A 127 3.27 -9.66 12.52
C MSE A 127 2.37 -9.80 13.74
O MSE A 127 2.80 -9.51 14.88
CB MSE A 127 2.85 -8.39 11.74
CG MSE A 127 3.90 -8.00 10.83
SE MSE A 127 3.16 -6.38 9.94
CE MSE A 127 4.84 -5.93 8.91
N ALA A 128 1.14 -10.26 13.54
CA ALA A 128 0.22 -10.26 14.66
C ALA A 128 0.77 -11.12 15.76
N GLY A 129 1.33 -12.29 15.39
CA GLY A 129 1.89 -13.25 16.40
C GLY A 129 3.01 -12.61 17.20
N ARG A 130 3.80 -11.75 16.54
CA ARG A 130 4.91 -11.09 17.25
C ARG A 130 4.46 -10.09 18.31
N TYR A 131 3.23 -9.60 18.19
CA TYR A 131 2.67 -8.70 19.23
C TYR A 131 1.79 -9.46 20.25
N GLY A 132 1.91 -10.78 20.25
CA GLY A 132 1.24 -11.67 21.24
C GLY A 132 -0.21 -12.03 20.94
N ALA A 133 -0.65 -11.82 19.71
CA ALA A 133 -2.02 -12.17 19.35
C ALA A 133 -2.23 -13.65 19.39
N ASP A 134 -3.49 -14.02 19.60
CA ASP A 134 -3.94 -15.39 19.38
C ASP A 134 -4.47 -15.34 17.95
N VAL A 135 -3.66 -15.84 16.98
CA VAL A 135 -3.92 -15.60 15.54
C VAL A 135 -4.85 -16.65 14.97
N ARG A 136 -5.90 -16.21 14.29
CA ARG A 136 -6.87 -17.11 13.64
C ARG A 136 -6.88 -16.71 12.17
N THR A 137 -7.09 -17.68 11.29
CA THR A 137 -7.12 -17.33 9.85
C THR A 137 -8.30 -17.97 9.15
N ILE A 138 -8.70 -17.33 8.05
CA ILE A 138 -9.51 -18.00 7.06
C ILE A 138 -8.76 -17.78 5.75
N SER A 139 -8.98 -18.66 4.79
CA SER A 139 -8.18 -18.65 3.56
C SER A 139 -9.02 -18.71 2.30
N LYS A 140 -8.54 -18.05 1.24
CA LYS A 140 -9.12 -18.24 -0.09
C LYS A 140 -7.95 -18.50 -1.04
N PRO A 141 -8.19 -19.19 -2.16
CA PRO A 141 -7.13 -19.31 -3.19
C PRO A 141 -6.66 -17.93 -3.61
N TRP A 142 -5.37 -17.77 -3.89
CA TRP A 142 -4.88 -16.44 -4.29
C TRP A 142 -5.54 -16.03 -5.61
N GLY A 143 -6.16 -14.85 -5.57
CA GLY A 143 -6.89 -14.26 -6.71
C GLY A 143 -8.38 -14.19 -6.38
N GLU A 144 -8.79 -14.90 -5.32
CA GLU A 144 -10.20 -14.90 -4.89
C GLU A 144 -10.38 -13.97 -3.69
N VAL A 145 -11.63 -13.75 -3.30
CA VAL A 145 -11.95 -12.82 -2.23
C VAL A 145 -13.01 -13.44 -1.30
N PHE A 146 -13.16 -12.86 -0.10
CA PHE A 146 -14.12 -13.43 0.88
C PHE A 146 -15.48 -12.81 0.73
N SER A 147 -16.54 -13.62 0.89
CA SER A 147 -17.91 -13.09 0.87
C SER A 147 -18.29 -12.60 2.27
N LEU A 148 -19.37 -11.83 2.37
CA LEU A 148 -19.91 -11.43 3.67
C LEU A 148 -20.24 -12.65 4.52
N GLU A 149 -20.87 -13.65 3.93
CA GLU A 149 -21.26 -14.81 4.70
C GLU A 149 -20.03 -15.55 5.26
N GLU A 150 -18.98 -15.67 4.45
CA GLU A 150 -17.71 -16.29 4.89
C GLU A 150 -17.11 -15.55 6.07
N LEU A 151 -17.14 -14.23 5.98
CA LEU A 151 -16.65 -13.42 7.09
C LEU A 151 -17.52 -13.56 8.34
N ARG A 152 -18.82 -13.59 8.15
CA ARG A 152 -19.75 -13.73 9.28
C ARG A 152 -19.46 -15.04 10.00
N THR A 153 -19.27 -16.10 9.23
CA THR A 153 -19.07 -17.43 9.81
C THR A 153 -17.75 -17.39 10.61
N ALA A 154 -16.74 -16.70 10.07
CA ALA A 154 -15.43 -16.64 10.72
C ALA A 154 -15.54 -15.81 12.00
N LEU A 155 -16.32 -14.73 11.97
CA LEU A 155 -16.54 -13.91 13.17
C LEU A 155 -17.29 -14.68 14.25
N GLU A 156 -18.29 -15.44 13.84
CA GLU A 156 -19.03 -16.35 14.74
C GLU A 156 -18.10 -17.33 15.46
N THR A 157 -17.17 -17.88 14.68
CA THR A 157 -16.27 -18.94 15.14
C THR A 157 -15.16 -18.43 16.05
N HIS A 158 -14.61 -17.27 15.70
CA HIS A 158 -13.42 -16.77 16.38
C HIS A 158 -13.65 -15.62 17.35
N ARG A 159 -14.79 -14.95 17.22
CA ARG A 159 -15.15 -13.86 18.12
C ARG A 159 -13.93 -12.98 18.39
N PRO A 160 -13.30 -12.45 17.33
CA PRO A 160 -11.99 -11.79 17.44
C PRO A 160 -12.08 -10.32 17.90
N ALA A 161 -10.99 -9.79 18.44
CA ALA A 161 -10.89 -8.35 18.74
C ALA A 161 -10.73 -7.56 17.44
N ILE A 162 -10.07 -8.18 16.48
CA ILE A 162 -9.66 -7.44 15.25
C ILE A 162 -9.90 -8.38 14.07
N LEU A 163 -10.45 -7.85 12.97
CA LEU A 163 -10.52 -8.56 11.69
C LEU A 163 -9.61 -7.77 10.75
N ALA A 164 -8.61 -8.45 10.19
CA ALA A 164 -7.66 -7.79 9.24
C ALA A 164 -7.87 -8.30 7.82
N LEU A 165 -7.94 -7.38 6.87
CA LEU A 165 -8.12 -7.75 5.47
C LEU A 165 -7.24 -6.88 4.60
N VAL A 166 -6.82 -7.44 3.47
CA VAL A 166 -6.06 -6.70 2.50
C VAL A 166 -7.03 -6.24 1.38
N HIS A 167 -7.17 -4.92 1.24
CA HIS A 167 -8.11 -4.42 0.27
C HIS A 167 -7.66 -4.75 -1.14
N ALA A 168 -6.38 -4.54 -1.43
CA ALA A 168 -5.90 -4.70 -2.79
C ALA A 168 -4.64 -5.60 -2.68
N GLU A 169 -4.82 -6.88 -3.05
CA GLU A 169 -3.76 -7.89 -2.85
C GLU A 169 -2.78 -7.80 -4.00
N THR A 170 -1.69 -7.07 -3.76
CA THR A 170 -0.67 -6.89 -4.82
C THR A 170 -0.09 -8.21 -5.33
N SER A 171 -0.15 -9.26 -4.51
CA SER A 171 0.39 -10.55 -4.94
C SER A 171 -0.57 -11.35 -5.82
N THR A 172 -1.84 -10.92 -5.91
CA THR A 172 -2.82 -11.73 -6.64
C THR A 172 -3.62 -10.97 -7.68
N GLY A 173 -3.63 -9.63 -7.57
CA GLY A 173 -4.42 -8.78 -8.49
C GLY A 173 -5.88 -8.59 -8.16
N ALA A 174 -6.28 -9.01 -6.95
CA ALA A 174 -7.69 -8.97 -6.51
C ALA A 174 -8.02 -7.87 -5.52
N ARG A 175 -9.22 -7.32 -5.68
CA ARG A 175 -9.78 -6.31 -4.82
C ARG A 175 -10.83 -6.99 -3.93
N GLN A 176 -10.62 -6.90 -2.61
CA GLN A 176 -11.56 -7.41 -1.60
C GLN A 176 -12.71 -6.40 -1.37
N PRO A 177 -13.95 -6.75 -1.71
CA PRO A 177 -15.10 -5.87 -1.39
C PRO A 177 -15.23 -5.67 0.11
N LEU A 178 -15.50 -4.45 0.53
CA LEU A 178 -15.64 -4.15 1.95
C LEU A 178 -17.00 -3.63 2.39
N GLU A 179 -17.95 -3.52 1.44
CA GLU A 179 -19.32 -3.12 1.76
C GLU A 179 -19.88 -4.10 2.77
N GLY A 180 -20.52 -3.58 3.81
CA GLY A 180 -21.14 -4.42 4.84
C GLY A 180 -20.21 -4.98 5.89
N VAL A 181 -18.92 -4.90 5.66
CA VAL A 181 -17.94 -5.51 6.58
C VAL A 181 -17.84 -4.75 7.91
N GLY A 182 -17.86 -3.42 7.84
CA GLY A 182 -17.80 -2.61 9.05
C GLY A 182 -19.03 -2.88 9.93
N GLU A 183 -20.21 -2.89 9.32
CA GLU A 183 -21.44 -3.19 10.08
C GLU A 183 -21.37 -4.57 10.71
N LEU A 184 -20.89 -5.53 9.93
CA LEU A 184 -20.68 -6.89 10.41
C LEU A 184 -19.72 -6.89 11.62
N CYS A 185 -18.58 -6.22 11.49
CA CYS A 185 -17.66 -6.11 12.62
C CYS A 185 -18.32 -5.46 13.87
N ARG A 186 -19.18 -4.47 13.67
CA ARG A 186 -19.77 -3.81 14.82
C ARG A 186 -20.71 -4.77 15.58
N GLU A 187 -21.33 -5.68 14.84
CA GLU A 187 -22.22 -6.69 15.43
C GLU A 187 -21.46 -7.61 16.39
N PHE A 188 -20.18 -7.83 16.09
CA PHE A 188 -19.34 -8.73 16.89
C PHE A 188 -18.39 -8.05 17.84
N GLY A 189 -18.41 -6.71 17.87
CA GLY A 189 -17.47 -5.92 18.70
C GLY A 189 -16.05 -5.96 18.20
N THR A 190 -15.88 -6.09 16.89
CA THR A 190 -14.59 -6.32 16.28
C THR A 190 -14.10 -5.02 15.61
N LEU A 191 -12.82 -4.70 15.74
CA LEU A 191 -12.20 -3.61 14.92
C LEU A 191 -11.82 -4.08 13.53
N LEU A 192 -12.06 -3.24 12.52
CA LEU A 192 -11.71 -3.58 11.14
C LEU A 192 -10.40 -2.91 10.74
N LEU A 193 -9.41 -3.73 10.34
CA LEU A 193 -8.07 -3.24 10.02
C LEU A 193 -7.81 -3.59 8.57
N VAL A 194 -7.42 -2.61 7.76
CA VAL A 194 -7.40 -2.83 6.30
C VAL A 194 -6.11 -2.27 5.66
N ASP A 195 -5.49 -3.10 4.81
CA ASP A 195 -4.31 -2.73 4.00
C ASP A 195 -4.82 -2.04 2.72
N THR A 196 -4.47 -0.78 2.49
CA THR A 196 -4.83 -0.07 1.23
C THR A 196 -3.58 0.44 0.48
N VAL A 197 -2.49 -0.30 0.63
CA VAL A 197 -1.21 0.04 0.04
C VAL A 197 -1.37 0.16 -1.49
N THR A 198 -2.12 -0.76 -2.08
CA THR A 198 -2.19 -0.82 -3.56
C THR A 198 -3.49 -0.25 -4.12
N SER A 199 -4.39 0.19 -3.23
CA SER A 199 -5.63 0.84 -3.67
C SER A 199 -5.62 2.36 -3.55
N LEU A 200 -4.91 2.91 -2.56
CA LEU A 200 -5.07 4.33 -2.26
C LEU A 200 -4.69 5.16 -3.50
N GLY A 201 -5.59 6.04 -3.90
CA GLY A 201 -5.35 6.87 -5.08
C GLY A 201 -5.80 6.31 -6.42
N GLY A 202 -5.90 4.99 -6.54
CA GLY A 202 -6.18 4.39 -7.84
C GLY A 202 -7.45 3.56 -7.86
N VAL A 203 -7.97 3.26 -6.67
CA VAL A 203 -9.18 2.44 -6.50
C VAL A 203 -10.09 3.19 -5.50
N PRO A 204 -11.40 3.27 -5.73
CA PRO A 204 -12.27 3.96 -4.76
C PRO A 204 -12.15 3.37 -3.37
N ILE A 205 -11.91 4.24 -2.38
CA ILE A 205 -11.94 3.82 -0.98
C ILE A 205 -12.73 4.87 -0.20
N PHE A 206 -13.65 4.41 0.63
CA PHE A 206 -14.45 5.27 1.51
C PHE A 206 -14.29 4.72 2.94
N LEU A 207 -13.21 5.09 3.61
CA LEU A 207 -12.90 4.47 4.89
C LEU A 207 -14.01 4.61 5.92
N ASP A 208 -14.51 5.83 6.08
CA ASP A 208 -15.53 6.08 7.09
C ASP A 208 -16.85 5.39 6.73
N ALA A 209 -17.30 5.54 5.49
CA ALA A 209 -18.53 4.86 5.09
C ALA A 209 -18.46 3.36 5.33
N TRP A 210 -17.28 2.80 5.13
CA TRP A 210 -17.05 1.36 5.28
C TRP A 210 -16.78 0.94 6.72
N GLY A 211 -16.72 1.92 7.62
CA GLY A 211 -16.47 1.62 9.05
C GLY A 211 -15.12 1.00 9.33
N VAL A 212 -14.10 1.37 8.56
CA VAL A 212 -12.76 0.87 8.79
C VAL A 212 -12.16 1.53 10.05
N ASP A 213 -11.50 0.78 10.92
CA ASP A 213 -10.99 1.35 12.17
C ASP A 213 -9.51 1.66 12.15
N LEU A 214 -8.73 0.87 11.43
CA LEU A 214 -7.32 1.20 11.20
C LEU A 214 -7.02 0.94 9.74
N ALA A 215 -6.28 1.82 9.11
CA ALA A 215 -5.89 1.58 7.72
C ALA A 215 -4.48 2.08 7.50
N TYR A 216 -3.85 1.49 6.50
CA TYR A 216 -2.50 1.94 6.14
C TYR A 216 -2.35 1.90 4.64
N SER A 217 -1.45 2.72 4.14
CA SER A 217 -1.07 2.68 2.73
C SER A 217 0.45 2.94 2.56
N CYS A 218 0.89 3.33 1.36
CA CYS A 218 2.28 3.64 1.08
C CYS A 218 2.31 4.90 0.22
N SER A 219 3.50 5.45 0.01
CA SER A 219 3.56 6.66 -0.77
C SER A 219 3.98 6.37 -2.21
N GLN A 220 4.44 5.13 -2.52
CA GLN A 220 5.08 4.90 -3.83
C GLN A 220 4.21 4.34 -4.96
N LYS A 221 2.90 4.26 -4.76
CA LYS A 221 2.02 3.67 -5.77
C LYS A 221 1.03 4.68 -6.32
N GLY A 222 -0.25 4.58 -5.92
CA GLY A 222 -1.29 5.49 -6.42
C GLY A 222 -0.97 6.94 -6.09
N LEU A 223 -0.21 7.17 -5.03
CA LEU A 223 0.08 8.54 -4.63
C LEU A 223 1.19 9.17 -5.48
N GLY A 224 1.88 8.36 -6.28
CA GLY A 224 2.86 8.90 -7.25
C GLY A 224 4.10 9.52 -6.62
N CYS A 225 4.51 9.01 -5.47
CA CYS A 225 5.56 9.60 -4.68
C CYS A 225 6.69 8.58 -4.49
N SER A 226 7.79 8.95 -3.84
CA SER A 226 8.87 8.02 -3.49
C SER A 226 8.48 7.18 -2.23
N PRO A 227 8.97 5.94 -2.01
CA PRO A 227 8.59 5.22 -0.78
C PRO A 227 9.10 5.92 0.46
N GLY A 228 8.29 5.87 1.49
CA GLY A 228 8.82 6.17 2.84
C GLY A 228 8.02 7.16 3.67
N ALA A 229 6.91 7.63 3.12
CA ALA A 229 6.03 8.53 3.88
C ALA A 229 4.64 7.93 3.78
N SER A 230 4.37 6.94 4.66
CA SER A 230 3.27 6.02 4.43
C SER A 230 2.02 6.39 5.22
N PRO A 231 0.87 6.61 4.55
CA PRO A 231 -0.37 7.01 5.25
C PRO A 231 -0.81 6.02 6.29
N PHE A 232 -1.37 6.55 7.40
CA PHE A 232 -1.83 5.70 8.51
C PHE A 232 -3.04 6.42 9.11
N THR A 233 -4.08 5.69 9.47
CA THR A 233 -5.19 6.36 10.16
C THR A 233 -5.84 5.42 11.16
N MSE A 234 -6.47 6.02 12.18
CA MSE A 234 -7.22 5.25 13.22
C MSE A 234 -8.52 5.97 13.50
O MSE A 234 -8.53 7.21 13.65
CB MSE A 234 -6.44 5.17 14.53
CG MSE A 234 -5.32 4.16 14.48
SE MSE A 234 -4.25 4.39 16.13
CE MSE A 234 -5.47 3.37 17.36
N SER A 235 -9.60 5.20 13.58
CA SER A 235 -10.90 5.73 13.96
C SER A 235 -10.97 5.97 15.48
N SER A 236 -12.04 6.63 15.91
CA SER A 236 -12.32 6.81 17.31
C SER A 236 -12.39 5.49 18.05
N ARG A 237 -13.05 4.47 17.47
CA ARG A 237 -13.12 3.13 18.12
C ARG A 237 -11.72 2.56 18.35
N ALA A 238 -10.85 2.74 17.36
CA ALA A 238 -9.48 2.21 17.44
C ALA A 238 -8.68 2.94 18.52
N ILE A 239 -8.88 4.26 18.62
CA ILE A 239 -8.17 5.03 19.67
C ILE A 239 -8.66 4.58 21.06
N GLU A 240 -9.96 4.35 21.19
CA GLU A 240 -10.51 3.88 22.47
C GLU A 240 -9.81 2.60 22.88
N LYS A 241 -9.59 1.71 21.92
CA LYS A 241 -8.90 0.45 22.20
C LYS A 241 -7.47 0.71 22.66
N LEU A 242 -6.80 1.61 21.94
CA LEU A 242 -5.42 2.00 22.28
C LEU A 242 -5.43 2.57 23.71
N GLN A 243 -6.45 3.36 24.02
CA GLN A 243 -6.49 4.04 25.34
C GLN A 243 -6.68 3.08 26.49
N ARG A 244 -7.27 1.92 26.25
CA ARG A 244 -7.42 1.00 27.37
C ARG A 244 -6.31 -0.03 27.54
N ARG A 245 -5.25 0.09 26.72
CA ARG A 245 -4.11 -0.84 26.84
C ARG A 245 -3.61 -0.93 28.27
N ARG A 246 -3.20 -2.13 28.68
CA ARG A 246 -2.67 -2.31 30.01
C ARG A 246 -1.17 -2.08 30.05
N THR A 247 -0.52 -2.10 28.87
CA THR A 247 0.91 -1.88 28.78
C THR A 247 1.16 -0.88 27.68
N LYS A 248 2.34 -0.28 27.70
CA LYS A 248 2.78 0.58 26.60
C LYS A 248 2.76 -0.20 25.29
N VAL A 249 2.53 0.53 24.19
CA VAL A 249 2.64 -0.04 22.83
C VAL A 249 4.06 -0.59 22.72
N ALA A 250 4.21 -1.81 22.22
CA ALA A 250 5.51 -2.47 22.24
C ALA A 250 6.29 -2.12 20.96
N ASN A 251 6.30 -0.83 20.63
CA ASN A 251 7.01 -0.34 19.45
C ASN A 251 7.08 1.15 19.66
N TRP A 252 8.29 1.65 19.96
CA TRP A 252 8.49 3.04 20.36
C TRP A 252 8.34 3.96 19.14
N TYR A 253 9.01 3.54 18.04
CA TYR A 253 8.98 4.38 16.81
C TYR A 253 7.57 4.52 16.22
N LEU A 254 6.72 3.54 16.47
CA LEU A 254 5.38 3.57 15.90
C LEU A 254 4.24 3.78 16.90
N ASP A 255 4.59 4.21 18.10
CA ASP A 255 3.61 4.34 19.18
C ASP A 255 2.79 5.56 18.93
N MSE A 256 1.51 5.36 18.65
CA MSE A 256 0.63 6.50 18.31
C MSE A 256 0.30 7.42 19.49
O MSE A 256 -0.13 8.57 19.25
CB MSE A 256 -0.68 6.03 17.64
CG MSE A 256 -0.44 5.43 16.30
SE MSE A 256 0.29 6.69 15.01
CE MSE A 256 1.29 5.32 13.91
N ASN A 257 0.50 6.93 20.70
CA ASN A 257 0.46 7.80 21.90
C ASN A 257 1.51 8.90 21.79
N LEU A 258 2.67 8.57 21.22
CA LEU A 258 3.74 9.53 21.05
C LEU A 258 3.59 10.23 19.70
N LEU A 259 3.34 9.50 18.62
CA LEU A 259 3.24 10.20 17.29
C LEU A 259 2.07 11.18 17.26
N GLY A 260 0.99 10.85 18.01
CA GLY A 260 -0.16 11.71 18.09
C GLY A 260 0.18 13.07 18.70
N LYS A 261 1.18 13.12 19.59
CA LYS A 261 1.64 14.38 20.21
C LYS A 261 2.54 15.23 19.32
N TYR A 262 3.07 14.64 18.26
CA TYR A 262 3.86 15.41 17.28
C TYR A 262 2.94 15.98 16.21
N TRP A 263 2.04 15.12 15.71
CA TRP A 263 1.09 15.52 14.67
C TRP A 263 -0.08 16.35 15.22
N GLY A 264 -0.24 16.33 16.54
CA GLY A 264 -1.26 17.12 17.23
C GLY A 264 -0.72 18.43 17.73
N SER A 265 -1.55 19.18 18.47
CA SER A 265 -1.20 20.53 18.84
C SER A 265 -0.08 20.62 19.87
N GLU A 266 0.21 19.52 20.58
CA GLU A 266 1.23 19.57 21.65
C GLU A 266 2.61 19.82 21.01
N ARG A 267 2.78 19.32 19.77
CA ARG A 267 4.05 19.45 19.06
C ARG A 267 5.26 19.02 19.90
N VAL A 268 5.19 17.81 20.44
CA VAL A 268 6.28 17.24 21.26
C VAL A 268 7.21 16.43 20.35
N TYR A 269 8.50 16.61 20.51
CA TYR A 269 9.49 15.90 19.63
C TYR A 269 9.34 14.40 19.87
N HIS A 270 9.28 13.65 18.77
CA HIS A 270 9.29 12.18 18.82
C HIS A 270 10.47 11.72 17.97
N HIS A 271 10.38 11.96 16.66
CA HIS A 271 11.54 11.70 15.80
C HIS A 271 11.72 12.83 14.78
N THR A 272 12.93 12.96 14.20
CA THR A 272 13.21 13.99 13.22
C THR A 272 12.61 13.55 11.89
N ALA A 273 11.47 14.12 11.53
CA ALA A 273 10.74 13.66 10.33
C ALA A 273 11.65 13.77 9.08
N PRO A 274 11.44 12.87 8.09
CA PRO A 274 12.22 12.93 6.85
C PRO A 274 11.75 14.10 6.00
N ILE A 275 12.32 15.27 6.30
CA ILE A 275 11.84 16.52 5.80
C ILE A 275 11.57 16.44 4.29
N ASN A 276 12.55 15.99 3.52
CA ASN A 276 12.41 16.07 2.05
C ASN A 276 11.39 15.08 1.49
N LEU A 277 11.22 13.94 2.16
CA LEU A 277 10.18 13.00 1.76
C LEU A 277 8.79 13.57 2.09
N TYR A 278 8.65 14.29 3.22
CA TYR A 278 7.36 14.98 3.44
C TYR A 278 7.09 16.09 2.43
N TYR A 279 8.13 16.82 2.02
CA TYR A 279 7.94 17.78 0.91
C TYR A 279 7.30 17.06 -0.28
N ALA A 280 7.90 15.94 -0.64
CA ALA A 280 7.44 15.14 -1.80
C ALA A 280 5.99 14.68 -1.59
N LEU A 281 5.64 14.19 -0.40
CA LEU A 281 4.27 13.70 -0.15
C LEU A 281 3.22 14.83 -0.25
N ARG A 282 3.59 16.01 0.25
CA ARG A 282 2.67 17.16 0.23
C ARG A 282 2.41 17.54 -1.22
N GLU A 283 3.47 17.51 -2.04
CA GLU A 283 3.31 17.82 -3.48
C GLU A 283 2.55 16.73 -4.24
N ALA A 284 2.81 15.46 -3.91
CA ALA A 284 2.06 14.36 -4.49
C ALA A 284 0.58 14.51 -4.19
N LEU A 285 0.24 14.80 -2.93
CA LEU A 285 -1.17 14.96 -2.55
C LEU A 285 -1.78 16.21 -3.21
N ARG A 286 -1.01 17.28 -3.32
CA ARG A 286 -1.52 18.44 -4.02
C ARG A 286 -1.94 18.06 -5.45
N LEU A 287 -1.12 17.26 -6.10
CA LEU A 287 -1.40 16.88 -7.50
C LEU A 287 -2.67 16.03 -7.62
N ILE A 288 -2.85 15.09 -6.67
CA ILE A 288 -4.09 14.31 -6.61
C ILE A 288 -5.30 15.20 -6.32
N ALA A 289 -5.20 16.12 -5.37
CA ALA A 289 -6.33 17.00 -5.09
C ALA A 289 -6.68 17.86 -6.30
N GLN A 290 -5.69 18.25 -7.09
CA GLN A 290 -5.93 19.05 -8.30
C GLN A 290 -6.68 18.24 -9.36
N GLU A 291 -6.17 17.04 -9.64
CA GLU A 291 -6.84 16.12 -10.58
C GLU A 291 -8.23 15.83 -10.09
N GLY A 292 -8.36 15.57 -8.80
CA GLY A 292 -9.60 15.18 -8.18
C GLY A 292 -9.73 13.69 -8.08
N LEU A 293 -10.21 13.21 -6.93
CA LEU A 293 -10.37 11.77 -6.71
C LEU A 293 -11.12 10.98 -7.79
N ALA A 294 -12.33 11.40 -8.09
CA ALA A 294 -13.16 10.78 -9.12
C ALA A 294 -12.37 10.64 -10.42
N ASN A 295 -11.70 11.71 -10.82
CA ASN A 295 -10.94 11.67 -12.05
C ASN A 295 -9.81 10.67 -12.00
N CYS A 296 -9.09 10.68 -10.89
CA CYS A 296 -8.01 9.73 -10.65
C CYS A 296 -8.49 8.27 -10.73
N TRP A 297 -9.64 7.96 -10.12
CA TRP A 297 -10.14 6.58 -10.15
C TRP A 297 -10.53 6.23 -11.56
N GLN A 298 -11.10 7.21 -12.25
CA GLN A 298 -11.58 6.99 -13.60
C GLN A 298 -10.41 6.71 -14.53
N ARG A 299 -9.34 7.50 -14.39
CA ARG A 299 -8.12 7.33 -15.18
C ARG A 299 -7.52 5.89 -15.00
N HIS A 300 -7.43 5.46 -13.74
CA HIS A 300 -6.86 4.14 -13.46
C HIS A 300 -7.71 3.02 -14.05
N GLN A 301 -9.03 3.16 -13.97
CA GLN A 301 -9.91 2.14 -14.52
C GLN A 301 -9.90 2.11 -16.07
N LYS A 302 -9.91 3.29 -16.68
CA LYS A 302 -9.79 3.38 -18.15
C LYS A 302 -8.45 2.76 -18.60
N ASN A 303 -7.37 3.09 -17.90
CA ASN A 303 -6.07 2.59 -18.32
C ASN A 303 -5.94 1.11 -18.20
N VAL A 304 -6.46 0.53 -17.10
CA VAL A 304 -6.43 -0.92 -16.92
C VAL A 304 -7.27 -1.65 -17.99
N GLU A 305 -8.40 -1.04 -18.42
CA GLU A 305 -9.22 -1.67 -19.44
C GLU A 305 -8.49 -1.71 -20.77
N TYR A 306 -7.74 -0.65 -21.08
CA TYR A 306 -6.88 -0.64 -22.27
C TYR A 306 -5.81 -1.74 -22.16
N LEU A 307 -5.14 -1.82 -21.00
CA LEU A 307 -4.24 -2.93 -20.71
C LEU A 307 -4.88 -4.30 -21.02
N TRP A 308 -6.07 -4.56 -20.47
CA TRP A 308 -6.72 -5.86 -20.65
C TRP A 308 -6.93 -6.16 -22.15
N GLU A 309 -7.31 -5.13 -22.88
CA GLU A 309 -7.54 -5.27 -24.33
C GLU A 309 -6.28 -5.59 -25.10
N ARG A 310 -5.22 -4.83 -24.86
CA ARG A 310 -3.97 -5.07 -25.55
C ARG A 310 -3.42 -6.46 -25.21
N LEU A 311 -3.60 -6.90 -23.95
CA LEU A 311 -3.15 -8.23 -23.53
C LEU A 311 -3.92 -9.32 -24.25
N GLU A 312 -5.26 -9.20 -24.24
CA GLU A 312 -6.08 -10.10 -25.07
C GLU A 312 -5.68 -10.12 -26.54
N ASP A 313 -5.42 -8.95 -27.12
CA ASP A 313 -4.96 -8.81 -28.52
C ASP A 313 -3.76 -9.68 -28.83
N ILE A 314 -2.88 -9.86 -27.85
CA ILE A 314 -1.65 -10.62 -28.02
C ILE A 314 -1.76 -12.01 -27.41
N GLY A 315 -2.98 -12.42 -27.10
CA GLY A 315 -3.28 -13.79 -26.70
C GLY A 315 -2.95 -14.15 -25.27
N LEU A 316 -2.90 -13.15 -24.39
CA LEU A 316 -2.67 -13.41 -22.96
C LEU A 316 -3.95 -13.29 -22.15
N SER A 317 -4.12 -14.17 -21.17
CA SER A 317 -5.34 -14.25 -20.36
C SER A 317 -5.12 -13.63 -18.98
N LEU A 318 -6.24 -13.35 -18.30
CA LEU A 318 -6.23 -12.75 -16.96
C LEU A 318 -6.64 -13.73 -15.85
N HIS A 319 -5.96 -13.64 -14.71
CA HIS A 319 -6.17 -14.58 -13.60
C HIS A 319 -7.46 -14.31 -12.80
N VAL A 320 -7.76 -13.03 -12.59
CA VAL A 320 -8.77 -12.65 -11.60
C VAL A 320 -10.12 -12.38 -12.28
N GLU A 321 -11.18 -12.89 -11.64
CA GLU A 321 -12.57 -12.66 -12.04
C GLU A 321 -12.77 -11.16 -12.26
N LYS A 322 -13.37 -10.78 -13.40
CA LYS A 322 -13.45 -9.37 -13.80
C LYS A 322 -13.88 -8.39 -12.70
N GLU A 323 -14.92 -8.75 -11.96
CA GLU A 323 -15.49 -7.89 -10.92
C GLU A 323 -14.48 -7.45 -9.85
N TYR A 324 -13.49 -8.29 -9.58
CA TYR A 324 -12.52 -8.06 -8.49
C TYR A 324 -11.15 -7.68 -9.01
N ARG A 325 -11.02 -7.45 -10.32
CA ARG A 325 -9.68 -7.08 -10.83
C ARG A 325 -9.26 -5.68 -10.34
N LEU A 326 -8.03 -5.55 -9.87
CA LEU A 326 -7.54 -4.24 -9.47
C LEU A 326 -7.14 -3.44 -10.69
N PRO A 327 -7.51 -2.17 -10.78
CA PRO A 327 -6.99 -1.33 -11.84
C PRO A 327 -5.47 -1.08 -11.70
N THR A 328 -4.98 -1.17 -10.47
CA THR A 328 -3.59 -0.85 -10.16
C THR A 328 -2.64 -2.02 -10.32
N LEU A 329 -3.16 -3.25 -10.27
CA LEU A 329 -2.29 -4.44 -10.37
C LEU A 329 -3.02 -5.56 -11.06
N THR A 330 -2.55 -5.92 -12.25
CA THR A 330 -3.15 -6.99 -13.04
C THR A 330 -2.30 -8.23 -13.04
N THR A 331 -2.89 -9.36 -12.68
CA THR A 331 -2.19 -10.67 -12.86
C THR A 331 -2.55 -11.28 -14.18
N VAL A 332 -1.50 -11.50 -14.98
CA VAL A 332 -1.61 -12.06 -16.34
C VAL A 332 -1.08 -13.48 -16.34
N CYS A 333 -1.83 -14.44 -16.86
CA CYS A 333 -1.35 -15.83 -16.83
C CYS A 333 -0.13 -16.06 -17.71
N ILE A 334 0.83 -16.83 -17.20
CA ILE A 334 2.00 -17.22 -18.01
C ILE A 334 1.61 -18.46 -18.82
N PRO A 335 1.67 -18.37 -20.15
CA PRO A 335 1.32 -19.53 -20.98
C PRO A 335 2.28 -20.69 -20.73
N ASP A 336 1.75 -21.90 -20.92
CA ASP A 336 2.58 -23.05 -20.90
C ASP A 336 3.66 -22.89 -21.93
N GLY A 337 4.86 -23.36 -21.61
CA GLY A 337 6.00 -23.28 -22.53
C GLY A 337 6.78 -21.98 -22.45
N VAL A 338 6.41 -21.11 -21.50
CA VAL A 338 7.03 -19.78 -21.30
C VAL A 338 7.69 -19.72 -19.93
N ASP A 339 8.95 -19.30 -19.92
CA ASP A 339 9.69 -19.09 -18.67
C ASP A 339 9.40 -17.67 -18.20
N GLY A 340 8.56 -17.54 -17.18
CA GLY A 340 8.09 -16.24 -16.73
C GLY A 340 9.24 -15.35 -16.24
N LYS A 341 10.21 -15.93 -15.51
CA LYS A 341 11.33 -15.13 -14.97
C LYS A 341 12.22 -14.62 -16.09
N ALA A 342 12.49 -15.48 -17.08
CA ALA A 342 13.30 -15.11 -18.25
C ALA A 342 12.66 -13.96 -19.00
N VAL A 343 11.34 -14.04 -19.18
CA VAL A 343 10.60 -12.95 -19.86
C VAL A 343 10.78 -11.64 -19.08
N ALA A 344 10.62 -11.70 -17.77
CA ALA A 344 10.75 -10.51 -16.95
C ALA A 344 12.18 -9.93 -17.02
N ARG A 345 13.21 -10.77 -17.00
CA ARG A 345 14.61 -10.30 -17.11
C ARG A 345 14.85 -9.62 -18.45
N ARG A 346 14.33 -10.23 -19.51
CA ARG A 346 14.50 -9.69 -20.87
C ARG A 346 13.75 -8.38 -21.01
N LEU A 347 12.55 -8.29 -20.48
CA LEU A 347 11.87 -6.99 -20.42
C LEU A 347 12.73 -5.95 -19.73
N LEU A 348 13.27 -6.28 -18.56
CA LEU A 348 14.12 -5.31 -17.83
C LEU A 348 15.38 -4.92 -18.62
N ASN A 349 16.14 -5.90 -19.08
CA ASN A 349 17.44 -5.59 -19.68
C ASN A 349 17.36 -5.11 -21.13
N GLU A 350 16.47 -5.70 -21.92
CA GLU A 350 16.35 -5.34 -23.35
C GLU A 350 15.38 -4.17 -23.57
N HIS A 351 14.46 -3.96 -22.64
CA HIS A 351 13.43 -2.94 -22.86
C HIS A 351 13.29 -1.91 -21.76
N ASN A 352 14.05 -2.05 -20.68
CA ASN A 352 13.93 -1.12 -19.55
C ASN A 352 12.51 -1.04 -18.96
N ILE A 353 11.79 -2.17 -18.99
CA ILE A 353 10.49 -2.24 -18.33
C ILE A 353 10.54 -3.26 -17.21
N GLU A 354 10.14 -2.82 -16.02
CA GLU A 354 9.95 -3.73 -14.88
C GLU A 354 8.51 -4.23 -14.81
N VAL A 355 8.34 -5.55 -14.77
CA VAL A 355 7.06 -6.14 -14.35
C VAL A 355 7.37 -7.16 -13.26
N GLY A 356 6.34 -7.56 -12.53
CA GLY A 356 6.52 -8.54 -11.48
C GLY A 356 6.30 -9.98 -11.91
N GLY A 357 6.88 -10.90 -11.13
CA GLY A 357 6.60 -12.31 -11.28
C GLY A 357 5.66 -12.78 -10.17
N GLY A 358 5.32 -14.05 -10.18
CA GLY A 358 4.36 -14.60 -9.20
C GLY A 358 5.09 -15.13 -7.98
N LEU A 359 4.36 -15.15 -6.85
CA LEU A 359 4.88 -15.70 -5.58
C LEU A 359 3.89 -16.71 -5.05
N GLY A 360 4.35 -17.57 -4.12
CA GLY A 360 3.47 -18.52 -3.47
C GLY A 360 2.69 -19.36 -4.44
N GLU A 361 1.36 -19.40 -4.24
CA GLU A 361 0.46 -20.24 -5.07
C GLU A 361 0.48 -19.83 -6.52
N LEU A 362 0.99 -18.62 -6.77
CA LEU A 362 1.04 -18.09 -8.13
C LEU A 362 2.43 -18.06 -8.74
N ALA A 363 3.44 -18.57 -8.00
CA ALA A 363 4.80 -18.73 -8.52
C ALA A 363 4.74 -19.43 -9.88
N GLY A 364 5.38 -18.80 -10.87
CA GLY A 364 5.45 -19.36 -12.21
C GLY A 364 4.16 -19.34 -12.98
N LYS A 365 3.07 -18.83 -12.39
CA LYS A 365 1.77 -18.92 -13.05
C LYS A 365 1.24 -17.58 -13.55
N VAL A 366 1.77 -16.48 -12.99
CA VAL A 366 1.35 -15.14 -13.39
C VAL A 366 2.52 -14.16 -13.47
N TRP A 367 2.36 -13.14 -14.32
CA TRP A 367 3.12 -11.90 -14.14
C TRP A 367 2.20 -10.89 -13.46
N ARG A 368 2.79 -9.85 -12.92
CA ARG A 368 2.05 -8.83 -12.23
C ARG A 368 2.36 -7.49 -12.84
N VAL A 369 1.37 -6.89 -13.50
CA VAL A 369 1.60 -5.59 -14.15
C VAL A 369 0.98 -4.46 -13.34
N GLY A 370 1.82 -3.61 -12.74
CA GLY A 370 1.38 -2.42 -12.01
C GLY A 370 1.06 -1.25 -12.96
N LEU A 371 -0.07 -0.59 -12.75
CA LEU A 371 -0.42 0.62 -13.50
C LEU A 371 -0.94 1.61 -12.48
N MSE A 372 -0.02 2.31 -11.86
CA MSE A 372 -0.29 3.08 -10.65
C MSE A 372 0.20 4.50 -10.74
O MSE A 372 1.31 4.74 -11.21
CB MSE A 372 0.40 2.39 -9.49
CG MSE A 372 -0.02 0.94 -9.47
SE MSE A 372 0.83 0.09 -7.97
CE MSE A 372 2.12 -0.08 -8.67
N GLY A 373 -0.64 5.43 -10.26
CA GLY A 373 -0.25 6.83 -10.09
C GLY A 373 0.19 7.44 -11.40
N PHE A 374 1.43 7.93 -11.42
CA PHE A 374 2.00 8.58 -12.61
C PHE A 374 2.13 7.61 -13.79
N ASN A 375 2.35 6.33 -13.48
CA ASN A 375 2.45 5.31 -14.53
C ASN A 375 1.10 4.83 -15.06
N SER A 376 -0.01 5.23 -14.43
CA SER A 376 -1.31 4.90 -15.00
C SER A 376 -1.55 5.87 -16.16
N ARG A 377 -1.01 5.52 -17.33
CA ARG A 377 -1.14 6.29 -18.55
C ARG A 377 -1.07 5.34 -19.74
N LYS A 378 -1.62 5.76 -20.90
CA LYS A 378 -1.62 4.93 -22.10
C LYS A 378 -0.21 4.56 -22.51
N GLU A 379 0.68 5.54 -22.46
CA GLU A 379 2.09 5.35 -22.83
C GLU A 379 2.72 4.14 -22.11
N SER A 380 2.29 3.86 -20.89
CA SER A 380 2.83 2.68 -20.18
C SER A 380 2.50 1.40 -20.87
N VAL A 381 1.21 1.23 -21.18
CA VAL A 381 0.74 0.05 -21.87
C VAL A 381 1.40 -0.04 -23.26
N ASP A 382 1.51 1.11 -23.92
CA ASP A 382 2.13 1.15 -25.22
C ASP A 382 3.62 0.81 -25.27
N GLN A 383 4.33 1.02 -24.17
CA GLN A 383 5.69 0.54 -24.08
C GLN A 383 5.63 -0.99 -23.82
N LEU A 384 4.82 -1.39 -22.84
CA LEU A 384 4.79 -2.79 -22.40
C LEU A 384 4.45 -3.75 -23.51
N ILE A 385 3.34 -3.48 -24.19
CA ILE A 385 2.78 -4.50 -25.09
C ILE A 385 3.69 -4.95 -26.23
N PRO A 386 4.24 -4.04 -27.04
CA PRO A 386 5.11 -4.49 -28.12
C PRO A 386 6.42 -5.08 -27.58
N ALA A 387 6.82 -4.67 -26.36
CA ALA A 387 8.00 -5.27 -25.72
C ALA A 387 7.67 -6.72 -25.34
N LEU A 388 6.53 -6.91 -24.72
CA LEU A 388 6.08 -8.27 -24.38
C LEU A 388 6.03 -9.10 -25.66
N GLU A 389 5.39 -8.57 -26.72
CA GLU A 389 5.29 -9.36 -27.96
C GLU A 389 6.66 -9.80 -28.45
N GLN A 390 7.61 -8.87 -28.51
CA GLN A 390 8.92 -9.16 -29.04
C GLN A 390 9.62 -10.22 -28.16
N VAL A 391 9.43 -10.10 -26.84
CA VAL A 391 10.06 -11.04 -25.92
C VAL A 391 9.43 -12.45 -26.04
N LEU A 392 8.14 -12.51 -26.33
CA LEU A 392 7.43 -13.79 -26.42
C LEU A 392 7.65 -14.51 -27.77
N ARG A 393 8.30 -13.81 -28.70
CA ARG A 393 8.56 -14.46 -30.00
C ARG A 393 9.57 -15.59 -29.90
N1 PLP B . 0.94 -4.36 1.60
C2 PLP B . 0.80 -4.53 0.23
C2A PLP B . -0.54 -5.01 -0.26
C3 PLP B . 1.92 -4.31 -0.59
O3 PLP B . 1.83 -4.48 -1.94
C4 PLP B . 3.12 -3.86 -0.01
C4A PLP B . 4.33 -3.62 -0.86
O4A PLP B . 4.20 -2.97 -1.89
C5 PLP B . 3.24 -3.67 1.40
C6 PLP B . 2.11 -3.93 2.19
C5A PLP B . 4.54 -3.25 2.04
O4P PLP B . 4.93 -1.93 1.65
P PLP B . 6.52 -1.61 1.60
O1P PLP B . 6.45 -0.19 1.08
O2P PLP B . 7.16 -2.49 0.54
O3P PLP B . 7.20 -1.79 2.94
#